data_6S1L
#
_entry.id   6S1L
#
_cell.length_a   75.797
_cell.length_b   123.604
_cell.length_c   94.244
_cell.angle_alpha   90.00
_cell.angle_beta   90.00
_cell.angle_gamma   90.00
#
_symmetry.space_group_name_H-M   'C 2 2 21'
#
loop_
_entity.id
_entity.type
_entity.pdbx_description
1 polymer 'Histone acetyltransferase type B subunit 2'
2 water water
#
_entity_poly.entity_id   1
_entity_poly.type   'polypeptide(L)'
_entity_poly.pdbx_seq_one_letter_code
;GSEEVVQDAPLENNELNAEIDLQKTIQEEYKLWKQNVPFLYDLVITHALEWPSLTIQWLPDKKTIPGTDYSIQRLILGTH
TSGNDQNYLQIASVQLPNFDEDTTEFTPSTIRRAQATGSYTIEISQKIPHDGDVNRARYMPQKPEIIATMGEGGNAYIFD
TTCHDALTTGEALPQAVLKGHTAEGFGLCWNPNLPGNLATGAEDQVICLWDVQTQSFTSSETKVISPIAKYHRHTDIVND
VQFHPQHEALLASVSDDCTLQIHDTRLNPEEEAPKVIQAHSKAINAVAINPFNDYLLATASADKTVALWDLRNPYQRLHT
LEGHEDEVYGLEWSPHDEPILASSSTDRRVCIWDLEKIGEEQTPEDAEDGSPELLFMHGGHTNRISEFSWCPNERWVVGS
LADDNILQIWSPSRVIWGRDHVQVSPRDLE
;
_entity_poly.pdbx_strand_id   A
#
# COMPACT_ATOMS: atom_id res chain seq x y z
N ILE A 20 -16.83 11.09 -15.75
CA ILE A 20 -15.45 11.46 -15.99
C ILE A 20 -15.06 11.16 -17.44
N ASP A 21 -14.22 12.02 -18.01
CA ASP A 21 -13.80 11.89 -19.41
C ASP A 21 -13.00 10.61 -19.62
N LEU A 22 -13.45 9.77 -20.55
CA LEU A 22 -12.73 8.59 -20.99
C LEU A 22 -12.38 8.75 -22.47
N GLN A 23 -11.11 8.48 -22.81
CA GLN A 23 -10.75 8.37 -24.21
C GLN A 23 -11.48 7.18 -24.84
N LYS A 24 -11.74 7.27 -26.14
CA LYS A 24 -12.66 6.34 -26.81
C LYS A 24 -12.28 4.88 -26.61
N THR A 25 -10.99 4.55 -26.80
CA THR A 25 -10.56 3.17 -26.60
C THR A 25 -10.70 2.73 -25.15
N ILE A 26 -10.36 3.61 -24.21
CA ILE A 26 -10.53 3.31 -22.78
C ILE A 26 -11.99 3.05 -22.47
N GLN A 27 -12.88 3.89 -23.01
CA GLN A 27 -14.31 3.69 -22.77
C GLN A 27 -14.78 2.37 -23.37
N GLU A 28 -14.25 1.98 -24.53
CA GLU A 28 -14.60 0.69 -25.11
C GLU A 28 -14.16 -0.45 -24.20
N GLU A 29 -12.92 -0.37 -23.70
CA GLU A 29 -12.41 -1.45 -22.85
C GLU A 29 -13.22 -1.58 -21.57
N TYR A 30 -13.55 -0.45 -20.94
CA TYR A 30 -14.28 -0.50 -19.69
C TYR A 30 -15.64 -1.13 -19.89
N LYS A 31 -16.27 -0.91 -21.02
CA LYS A 31 -17.56 -1.56 -21.20
C LYS A 31 -17.42 -3.04 -21.52
N LEU A 32 -16.37 -3.45 -22.21
CA LEU A 32 -16.09 -4.88 -22.31
C LEU A 32 -15.88 -5.48 -20.92
N TRP A 33 -15.07 -4.81 -20.10
CA TRP A 33 -14.82 -5.30 -18.75
C TRP A 33 -16.13 -5.48 -17.98
N LYS A 34 -16.99 -4.45 -17.95
CA LYS A 34 -18.26 -4.56 -17.24
C LYS A 34 -19.11 -5.71 -17.77
N GLN A 35 -19.04 -5.99 -19.07
CA GLN A 35 -19.83 -7.10 -19.60
C GLN A 35 -19.36 -8.44 -19.05
N ASN A 36 -18.06 -8.59 -18.80
CA ASN A 36 -17.48 -9.83 -18.31
C ASN A 36 -17.49 -9.95 -16.80
N VAL A 37 -17.77 -8.85 -16.09
CA VAL A 37 -17.68 -8.85 -14.63
C VAL A 37 -18.42 -10.02 -14.01
N PRO A 38 -19.65 -10.36 -14.41
CA PRO A 38 -20.36 -11.47 -13.74
C PRO A 38 -19.65 -12.81 -13.82
N PHE A 39 -18.88 -13.07 -14.88
CA PHE A 39 -18.21 -14.36 -14.99
C PHE A 39 -16.89 -14.36 -14.22
N LEU A 40 -16.15 -13.25 -14.24
CA LEU A 40 -14.78 -13.25 -13.72
C LEU A 40 -14.71 -12.85 -12.25
N TYR A 41 -15.78 -12.33 -11.68
CA TYR A 41 -15.75 -11.78 -10.33
C TYR A 41 -16.90 -12.33 -9.52
N ASP A 42 -16.65 -12.51 -8.21
CA ASP A 42 -17.73 -12.75 -7.28
C ASP A 42 -18.26 -11.45 -6.67
N LEU A 43 -17.51 -10.35 -6.75
CA LEU A 43 -17.98 -9.07 -6.21
C LEU A 43 -17.26 -7.93 -6.91
N VAL A 44 -18.01 -6.91 -7.32
CA VAL A 44 -17.45 -5.65 -7.75
C VAL A 44 -18.32 -4.53 -7.20
N ILE A 45 -17.69 -3.58 -6.51
CA ILE A 45 -18.30 -2.37 -6.00
C ILE A 45 -17.47 -1.21 -6.53
N THR A 46 -18.11 -0.21 -7.12
CA THR A 46 -17.41 0.92 -7.72
C THR A 46 -17.91 2.22 -7.12
N HIS A 47 -17.01 3.20 -6.98
CA HIS A 47 -17.37 4.49 -6.42
C HIS A 47 -16.35 5.52 -6.87
N ALA A 48 -16.84 6.70 -7.23
CA ALA A 48 -15.98 7.82 -7.52
C ALA A 48 -15.84 8.65 -6.26
N LEU A 49 -14.63 9.12 -6.00
CA LEU A 49 -14.35 10.01 -4.89
C LEU A 49 -14.31 11.45 -5.40
N GLU A 50 -14.55 12.40 -4.48
CA GLU A 50 -14.48 13.80 -4.91
C GLU A 50 -13.07 14.19 -5.35
N TRP A 51 -12.05 13.63 -4.71
CA TRP A 51 -10.69 13.87 -5.14
C TRP A 51 -10.00 12.53 -5.36
N PRO A 52 -9.06 12.46 -6.30
CA PRO A 52 -8.26 11.24 -6.42
C PRO A 52 -7.43 11.04 -5.16
N SER A 53 -7.20 9.77 -4.82
CA SER A 53 -6.38 9.40 -3.68
C SER A 53 -5.12 8.69 -4.18
N LEU A 54 -3.97 9.05 -3.61
CA LEU A 54 -2.73 8.40 -3.95
C LEU A 54 -2.48 7.15 -3.13
N THR A 55 -3.30 6.91 -2.11
CA THR A 55 -2.96 5.93 -1.09
C THR A 55 -4.23 5.25 -0.63
N ILE A 56 -4.11 3.98 -0.24
CA ILE A 56 -5.25 3.23 0.31
C ILE A 56 -4.71 2.14 1.21
N GLN A 57 -5.37 1.95 2.35
CA GLN A 57 -5.04 0.83 3.23
C GLN A 57 -6.30 0.47 3.99
N TRP A 58 -6.64 -0.82 4.03
CA TRP A 58 -7.71 -1.28 4.90
C TRP A 58 -7.25 -1.20 6.35
N LEU A 59 -8.11 -0.66 7.21
CA LEU A 59 -7.93 -0.74 8.65
C LEU A 59 -8.28 -2.15 9.12
N PRO A 60 -7.77 -2.57 10.28
CA PRO A 60 -7.85 -4.00 10.63
C PRO A 60 -9.20 -4.42 11.19
N ASP A 61 -10.06 -3.49 11.59
CA ASP A 61 -11.28 -3.80 12.34
C ASP A 61 -12.45 -4.20 11.44
N LYS A 62 -13.32 -5.03 11.99
CA LYS A 62 -14.53 -5.44 11.32
C LYS A 62 -15.66 -5.35 12.31
N LYS A 63 -16.73 -4.70 11.92
CA LYS A 63 -17.85 -4.49 12.80
C LYS A 63 -19.01 -5.31 12.24
N THR A 64 -19.45 -6.29 13.01
CA THR A 64 -20.51 -7.20 12.59
C THR A 64 -21.82 -6.67 13.14
N ILE A 65 -22.83 -6.57 12.27
CA ILE A 65 -24.15 -6.18 12.74
C ILE A 65 -24.94 -7.47 12.76
N PRO A 66 -25.18 -8.04 13.94
CA PRO A 66 -25.80 -9.37 14.01
C PRO A 66 -27.21 -9.32 13.41
N GLY A 67 -27.49 -10.29 12.54
CA GLY A 67 -28.72 -10.34 11.79
C GLY A 67 -28.62 -9.84 10.37
N THR A 68 -27.46 -9.35 9.95
CA THR A 68 -27.31 -8.72 8.65
C THR A 68 -26.52 -9.64 7.72
N ASP A 69 -26.59 -9.35 6.42
CA ASP A 69 -25.78 -10.06 5.43
C ASP A 69 -24.53 -9.28 5.04
N TYR A 70 -24.06 -8.40 5.93
CA TYR A 70 -22.91 -7.58 5.62
C TYR A 70 -22.19 -7.23 6.92
N SER A 71 -20.97 -6.73 6.78
CA SER A 71 -20.20 -6.17 7.87
C SER A 71 -19.72 -4.79 7.45
N ILE A 72 -19.27 -4.00 8.42
CA ILE A 72 -18.75 -2.67 8.14
C ILE A 72 -17.25 -2.71 8.32
N GLN A 73 -16.52 -2.33 7.28
CA GLN A 73 -15.07 -2.28 7.33
C GLN A 73 -14.62 -0.90 6.89
N ARG A 74 -13.36 -0.59 7.12
CA ARG A 74 -12.89 0.78 6.95
C ARG A 74 -11.60 0.83 6.18
N LEU A 75 -11.41 1.94 5.47
CA LEU A 75 -10.26 2.18 4.60
C LEU A 75 -9.73 3.57 4.87
N ILE A 76 -8.41 3.68 4.90
CA ILE A 76 -7.73 4.96 4.89
C ILE A 76 -7.56 5.42 3.45
N LEU A 77 -7.89 6.69 3.19
CA LEU A 77 -7.71 7.30 1.89
C LEU A 77 -7.10 8.68 2.12
N GLY A 78 -6.47 9.20 1.08
CA GLY A 78 -6.01 10.56 1.14
C GLY A 78 -6.59 11.37 0.01
N THR A 79 -6.07 12.57 -0.19
CA THR A 79 -6.43 13.34 -1.36
C THR A 79 -5.17 13.84 -2.03
N HIS A 80 -5.36 14.29 -3.26
CA HIS A 80 -4.32 14.88 -4.08
C HIS A 80 -5.04 15.97 -4.87
N THR A 81 -4.87 17.21 -4.45
CA THR A 81 -5.66 18.30 -5.00
C THR A 81 -4.94 18.97 -6.17
N SER A 82 -5.73 19.50 -7.09
CA SER A 82 -5.18 20.24 -8.23
C SER A 82 -4.19 21.31 -7.75
N GLY A 83 -4.48 21.93 -6.63
CA GLY A 83 -3.66 22.96 -6.05
C GLY A 83 -4.58 23.88 -5.30
N ASN A 84 -4.10 24.37 -4.15
CA ASN A 84 -4.76 25.37 -3.32
C ASN A 84 -5.97 24.85 -2.56
N ASP A 85 -6.68 23.86 -3.09
CA ASP A 85 -7.80 23.31 -2.34
C ASP A 85 -7.32 22.40 -1.23
N GLN A 86 -8.01 22.43 -0.10
CA GLN A 86 -7.52 21.74 1.09
C GLN A 86 -7.46 20.22 0.85
N ASN A 87 -6.38 19.61 1.34
CA ASN A 87 -6.23 18.17 1.32
C ASN A 87 -6.75 17.54 2.61
N TYR A 88 -7.07 16.25 2.54
CA TYR A 88 -7.63 15.56 3.70
C TYR A 88 -7.10 14.15 3.79
N LEU A 89 -6.80 13.73 4.99
CA LEU A 89 -6.72 12.33 5.32
C LEU A 89 -8.12 11.87 5.69
N GLN A 90 -8.60 10.78 5.06
CA GLN A 90 -9.98 10.35 5.13
C GLN A 90 -10.08 8.91 5.60
N ILE A 91 -11.16 8.60 6.29
CA ILE A 91 -11.50 7.22 6.60
C ILE A 91 -12.87 6.95 6.03
N ALA A 92 -12.97 5.92 5.19
CA ALA A 92 -14.21 5.54 4.55
C ALA A 92 -14.72 4.26 5.20
N SER A 93 -16.01 4.24 5.52
CA SER A 93 -16.68 3.05 6.05
C SER A 93 -17.44 2.39 4.92
N VAL A 94 -17.26 1.08 4.80
CA VAL A 94 -17.71 0.31 3.65
C VAL A 94 -18.57 -0.85 4.14
N GLN A 95 -19.75 -1.02 3.53
CA GLN A 95 -20.58 -2.20 3.78
C GLN A 95 -20.12 -3.34 2.85
N LEU A 96 -19.45 -4.29 3.41
CA LEU A 96 -19.01 -5.43 2.62
C LEU A 96 -19.95 -6.61 2.85
N PRO A 97 -20.51 -7.19 1.80
CA PRO A 97 -21.42 -8.33 2.00
C PRO A 97 -20.67 -9.54 2.54
N ASN A 98 -21.38 -10.35 3.30
CA ASN A 98 -20.85 -11.65 3.68
C ASN A 98 -20.80 -12.56 2.46
N PHE A 99 -19.79 -13.42 2.38
CA PHE A 99 -19.67 -14.38 1.29
C PHE A 99 -20.26 -15.72 1.71
N ASP A 100 -21.27 -16.18 0.97
CA ASP A 100 -22.02 -17.38 1.32
C ASP A 100 -21.26 -18.64 0.92
N GLU A 101 -21.65 -19.77 1.52
CA GLU A 101 -21.03 -21.06 1.26
C GLU A 101 -22.09 -22.15 1.18
N ASP A 102 -22.21 -22.78 0.01
CA ASP A 102 -23.21 -23.83 -0.20
C ASP A 102 -22.64 -25.22 0.10
N SER A 119 -26.99 -2.89 -3.97
CA SER A 119 -25.85 -2.02 -3.76
C SER A 119 -25.54 -1.87 -2.27
N TYR A 120 -24.27 -1.62 -1.96
CA TYR A 120 -23.76 -1.48 -0.60
C TYR A 120 -23.16 -0.09 -0.43
N THR A 121 -23.15 0.43 0.79
CA THR A 121 -22.85 1.84 1.01
C THR A 121 -21.39 2.05 1.39
N ILE A 122 -20.83 3.15 0.90
CA ILE A 122 -19.47 3.61 1.17
C ILE A 122 -19.58 5.09 1.52
N GLU A 123 -19.39 5.43 2.80
CA GLU A 123 -19.45 6.81 3.26
C GLU A 123 -18.12 7.23 3.89
N ILE A 124 -17.79 8.51 3.73
CA ILE A 124 -16.57 9.05 4.31
C ILE A 124 -16.84 9.34 5.79
N SER A 125 -16.35 8.48 6.68
CA SER A 125 -16.64 8.63 8.10
C SER A 125 -15.87 9.81 8.71
N GLN A 126 -14.54 9.78 8.71
CA GLN A 126 -13.74 10.88 9.24
C GLN A 126 -12.98 11.61 8.12
N LYS A 127 -12.84 12.91 8.28
CA LYS A 127 -12.10 13.73 7.34
C LYS A 127 -11.23 14.68 8.15
N ILE A 128 -9.92 14.57 8.01
CA ILE A 128 -8.96 15.31 8.83
C ILE A 128 -8.12 16.19 7.90
N PRO A 129 -8.10 17.51 8.12
CA PRO A 129 -7.27 18.38 7.29
C PRO A 129 -5.79 17.95 7.28
N HIS A 130 -5.19 17.98 6.10
CA HIS A 130 -3.83 17.50 5.87
C HIS A 130 -3.07 18.52 5.05
N ASP A 131 -1.77 18.65 5.30
CA ASP A 131 -1.09 19.82 4.74
C ASP A 131 -0.91 19.74 3.23
N GLY A 132 -0.08 18.85 2.70
CA GLY A 132 0.05 18.69 1.26
C GLY A 132 -0.80 17.54 0.74
N ASP A 133 -0.46 17.07 -0.46
CA ASP A 133 -0.97 15.78 -0.90
C ASP A 133 -0.65 14.72 0.14
N VAL A 134 -1.54 13.74 0.28
CA VAL A 134 -1.29 12.60 1.16
C VAL A 134 -0.59 11.56 0.30
N ASN A 135 0.75 11.59 0.31
CA ASN A 135 1.47 10.70 -0.60
C ASN A 135 1.34 9.25 -0.18
N ARG A 136 1.27 9.01 1.13
CA ARG A 136 1.10 7.65 1.65
C ARG A 136 0.56 7.77 3.06
N ALA A 137 -0.20 6.77 3.49
CA ALA A 137 -0.77 6.77 4.83
C ALA A 137 -0.82 5.33 5.33
N ARG A 138 -0.46 5.14 6.59
CA ARG A 138 -0.36 3.80 7.19
C ARG A 138 -0.77 3.90 8.65
N TYR A 139 -1.65 2.99 9.09
CA TYR A 139 -2.00 2.92 10.50
C TYR A 139 -0.92 2.15 11.27
N MET A 140 -0.74 2.53 12.53
CA MET A 140 0.21 1.82 13.36
C MET A 140 -0.38 0.46 13.72
N PRO A 141 0.33 -0.64 13.44
CA PRO A 141 -0.26 -1.96 13.71
C PRO A 141 -0.67 -2.13 15.16
N GLN A 142 0.15 -1.66 16.10
CA GLN A 142 -0.15 -1.87 17.52
C GLN A 142 -1.16 -0.88 18.07
N LYS A 143 -1.48 0.19 17.35
CA LYS A 143 -2.44 1.20 17.81
C LYS A 143 -3.11 1.82 16.59
N PRO A 144 -4.11 1.15 16.01
CA PRO A 144 -4.60 1.55 14.67
C PRO A 144 -5.31 2.90 14.61
N GLU A 145 -5.63 3.53 15.75
CA GLU A 145 -6.12 4.90 15.73
C GLU A 145 -5.04 5.92 15.35
N ILE A 146 -3.78 5.51 15.38
CA ILE A 146 -2.65 6.36 15.01
C ILE A 146 -2.33 6.13 13.55
N ILE A 147 -2.32 7.20 12.77
CA ILE A 147 -2.04 7.10 11.33
C ILE A 147 -0.89 8.05 10.98
N ALA A 148 0.11 7.51 10.30
CA ALA A 148 1.23 8.29 9.79
C ALA A 148 1.02 8.59 8.32
N THR A 149 1.46 9.77 7.86
CA THR A 149 1.39 10.11 6.45
C THR A 149 2.71 10.75 6.00
N MET A 150 2.96 10.69 4.70
CA MET A 150 4.03 11.44 4.06
C MET A 150 3.36 12.61 3.34
N GLY A 151 3.78 13.83 3.67
CA GLY A 151 3.07 15.00 3.17
C GLY A 151 4.03 16.05 2.64
N GLU A 152 3.63 17.31 2.84
CA GLU A 152 4.18 18.44 2.10
C GLU A 152 5.68 18.59 2.29
N GLY A 153 6.41 18.65 1.18
CA GLY A 153 7.82 18.95 1.20
C GLY A 153 8.70 17.92 1.87
N GLY A 154 8.17 16.77 2.24
CA GLY A 154 8.95 15.75 2.90
C GLY A 154 8.65 15.60 4.37
N ASN A 155 7.88 16.53 4.96
CA ASN A 155 7.38 16.32 6.31
C ASN A 155 6.54 15.06 6.35
N ALA A 156 6.72 14.29 7.40
CA ALA A 156 5.72 13.28 7.73
C ALA A 156 4.89 13.78 8.90
N TYR A 157 3.68 13.24 9.02
CA TYR A 157 2.70 13.70 10.00
C TYR A 157 2.10 12.49 10.69
N ILE A 158 1.79 12.67 11.97
CA ILE A 158 1.13 11.66 12.78
C ILE A 158 -0.21 12.23 13.22
N PHE A 159 -1.27 11.45 13.04
CA PHE A 159 -2.62 11.78 13.48
C PHE A 159 -3.13 10.71 14.43
N ASP A 160 -3.80 11.14 15.49
CA ASP A 160 -4.52 10.27 16.41
C ASP A 160 -5.98 10.53 16.14
N THR A 161 -6.69 9.55 15.57
CA THR A 161 -8.07 9.83 15.17
C THR A 161 -8.97 10.11 16.37
N THR A 162 -8.61 9.65 17.56
CA THR A 162 -9.38 9.97 18.75
C THR A 162 -9.16 11.39 19.24
N CYS A 163 -8.25 12.14 18.62
CA CYS A 163 -8.10 13.57 18.86
C CYS A 163 -8.83 14.42 17.83
N HIS A 164 -9.56 13.79 16.91
CA HIS A 164 -10.23 14.48 15.82
C HIS A 164 -11.68 13.99 15.83
N ASP A 165 -12.59 14.81 16.34
CA ASP A 165 -13.98 14.43 16.44
C ASP A 165 -14.83 15.67 16.66
N ALA A 166 -16.15 15.45 16.82
CA ALA A 166 -17.11 16.55 16.88
C ALA A 166 -16.89 17.46 18.08
N LEU A 167 -16.15 17.01 19.09
CA LEU A 167 -15.93 17.77 20.30
C LEU A 167 -14.72 18.69 20.23
N THR A 168 -13.83 18.51 19.25
CA THR A 168 -12.61 19.30 19.19
C THR A 168 -12.94 20.78 19.11
N THR A 169 -12.25 21.58 19.94
CA THR A 169 -12.56 23.00 20.10
C THR A 169 -11.88 23.89 19.04
N GLY A 170 -10.63 23.59 18.67
CA GLY A 170 -9.88 24.45 17.75
C GLY A 170 -9.56 23.84 16.40
N GLU A 171 -8.46 24.29 15.79
CA GLU A 171 -8.04 23.71 14.52
C GLU A 171 -7.73 22.24 14.70
N ALA A 172 -8.16 21.43 13.73
CA ALA A 172 -7.67 20.07 13.62
C ALA A 172 -6.19 20.14 13.26
N LEU A 173 -5.34 19.77 14.20
CA LEU A 173 -3.92 19.79 13.93
C LEU A 173 -3.40 18.36 13.87
N PRO A 174 -2.30 18.12 13.15
CA PRO A 174 -1.61 16.85 13.33
C PRO A 174 -1.14 16.74 14.77
N GLN A 175 -1.02 15.51 15.26
CA GLN A 175 -0.51 15.34 16.60
C GLN A 175 1.00 15.48 16.65
N ALA A 176 1.66 15.20 15.53
CA ALA A 176 3.11 15.32 15.43
C ALA A 176 3.46 15.59 13.98
N VAL A 177 4.52 16.38 13.80
CA VAL A 177 5.13 16.55 12.49
C VAL A 177 6.56 16.01 12.61
N LEU A 178 6.95 15.23 11.62
CA LEU A 178 8.26 14.58 11.62
C LEU A 178 9.14 15.30 10.60
N LYS A 179 10.13 16.02 11.10
CA LYS A 179 10.96 16.92 10.29
C LYS A 179 12.31 16.27 10.06
N GLY A 180 12.62 15.99 8.80
CA GLY A 180 13.82 15.25 8.50
C GLY A 180 14.11 15.22 7.01
N HIS A 181 13.10 14.93 6.19
CA HIS A 181 13.33 14.87 4.75
C HIS A 181 13.32 16.27 4.16
N THR A 182 14.11 16.44 3.10
CA THR A 182 14.23 17.71 2.38
C THR A 182 13.47 17.71 1.07
N ALA A 183 12.75 16.63 0.76
CA ALA A 183 11.89 16.56 -0.41
C ALA A 183 10.77 15.58 -0.08
N GLU A 184 9.68 15.65 -0.85
CA GLU A 184 8.57 14.74 -0.60
C GLU A 184 8.98 13.29 -0.86
N GLY A 185 8.18 12.38 -0.31
CA GLY A 185 8.52 10.98 -0.37
C GLY A 185 7.27 10.11 -0.32
N PHE A 186 7.48 8.84 -0.66
CA PHE A 186 6.42 7.87 -0.71
C PHE A 186 6.68 6.63 0.13
N GLY A 187 7.90 6.49 0.72
CA GLY A 187 8.21 5.33 1.52
C GLY A 187 7.76 5.55 2.95
N LEU A 188 6.99 4.61 3.48
CA LEU A 188 6.49 4.76 4.83
C LEU A 188 6.10 3.40 5.36
N CYS A 189 6.58 3.06 6.56
CA CYS A 189 6.31 1.73 7.13
C CYS A 189 6.49 1.79 8.64
N TRP A 190 5.48 1.34 9.38
CA TRP A 190 5.59 1.14 10.82
C TRP A 190 6.29 -0.17 11.11
N ASN A 191 7.01 -0.21 12.22
CA ASN A 191 7.67 -1.44 12.66
C ASN A 191 6.64 -2.30 13.39
N PRO A 192 6.24 -3.44 12.83
CA PRO A 192 5.20 -4.25 13.46
C PRO A 192 5.65 -4.99 14.71
N ASN A 193 6.93 -4.89 15.07
CA ASN A 193 7.44 -5.53 16.27
C ASN A 193 7.97 -4.53 17.29
N LEU A 194 7.93 -3.24 16.98
CA LEU A 194 8.42 -2.20 17.87
C LEU A 194 7.46 -1.02 17.82
N PRO A 195 6.55 -0.91 18.79
CA PRO A 195 5.53 0.13 18.73
C PRO A 195 6.13 1.52 18.60
N GLY A 196 5.54 2.32 17.71
CA GLY A 196 5.96 3.68 17.52
C GLY A 196 7.19 3.88 16.66
N ASN A 197 7.89 2.81 16.31
CA ASN A 197 9.05 2.91 15.42
C ASN A 197 8.58 2.99 13.97
N LEU A 198 9.02 4.03 13.26
CA LEU A 198 8.57 4.34 11.91
C LEU A 198 9.77 4.55 11.00
N ALA A 199 9.66 4.10 9.75
CA ALA A 199 10.67 4.35 8.73
C ALA A 199 10.02 5.07 7.55
N THR A 200 10.74 6.05 7.00
CA THR A 200 10.31 6.78 5.82
C THR A 200 11.45 6.88 4.81
N GLY A 201 11.11 6.97 3.54
CA GLY A 201 12.09 7.21 2.48
C GLY A 201 11.53 8.20 1.47
N ALA A 202 12.43 9.00 0.87
CA ALA A 202 11.95 10.15 0.11
C ALA A 202 12.80 10.41 -1.12
N GLU A 203 12.40 11.45 -1.86
CA GLU A 203 13.12 11.86 -3.05
C GLU A 203 14.44 12.53 -2.73
N ASP A 204 14.76 12.75 -1.44
CA ASP A 204 16.05 13.28 -1.02
C ASP A 204 17.12 12.18 -0.89
N GLN A 205 16.82 10.95 -1.28
CA GLN A 205 17.71 9.79 -1.24
C GLN A 205 17.92 9.25 0.18
N VAL A 206 17.23 9.78 1.19
CA VAL A 206 17.47 9.45 2.58
C VAL A 206 16.37 8.54 3.11
N ILE A 207 16.75 7.63 4.02
CA ILE A 207 15.80 6.92 4.88
C ILE A 207 15.92 7.49 6.28
N CYS A 208 14.79 7.92 6.85
CA CYS A 208 14.74 8.34 8.24
C CYS A 208 14.09 7.25 9.08
N LEU A 209 14.65 7.03 10.28
CA LEU A 209 14.01 6.21 11.30
C LEU A 209 13.51 7.13 12.39
N TRP A 210 12.33 6.83 12.91
CA TRP A 210 11.65 7.68 13.86
C TRP A 210 11.14 6.84 15.02
N ASP A 211 11.08 7.45 16.20
CA ASP A 211 10.48 6.88 17.40
C ASP A 211 9.32 7.78 17.78
N VAL A 212 8.10 7.31 17.55
CA VAL A 212 6.92 8.13 17.78
C VAL A 212 6.29 7.67 19.08
N GLN A 213 6.36 8.51 20.11
CA GLN A 213 5.70 8.24 21.38
C GLN A 213 4.36 8.95 21.39
N THR A 214 3.29 8.19 21.51
CA THR A 214 1.95 8.70 21.26
C THR A 214 1.20 9.09 22.52
N GLN A 215 1.61 8.60 23.68
CA GLN A 215 0.87 8.88 24.92
C GLN A 215 1.01 10.35 25.39
N SER A 216 1.58 11.25 24.59
CA SER A 216 1.57 12.69 24.84
C SER A 216 0.66 13.45 23.89
N PHE A 217 0.09 12.77 22.89
CA PHE A 217 -0.62 13.44 21.81
C PHE A 217 -1.84 14.18 22.33
N THR A 218 -2.08 15.35 21.74
CA THR A 218 -3.20 16.22 22.12
C THR A 218 -3.78 16.82 20.85
N SER A 219 -5.05 17.25 20.95
CA SER A 219 -5.66 17.94 19.82
C SER A 219 -5.24 19.40 19.77
N SER A 220 -4.58 19.90 20.81
CA SER A 220 -4.25 21.32 20.93
C SER A 220 -2.86 21.67 20.44
N GLU A 221 -1.96 20.69 20.33
CA GLU A 221 -0.57 20.96 20.00
C GLU A 221 -0.07 19.94 18.98
N THR A 222 0.84 20.39 18.12
CA THR A 222 1.56 19.50 17.23
C THR A 222 2.98 19.32 17.76
N LYS A 223 3.32 18.10 18.16
CA LYS A 223 4.69 17.77 18.55
C LYS A 223 5.62 17.75 17.34
N VAL A 224 6.83 18.28 17.52
CA VAL A 224 7.81 18.32 16.44
C VAL A 224 8.90 17.33 16.78
N ILE A 225 9.13 16.38 15.88
CA ILE A 225 9.99 15.24 16.15
C ILE A 225 11.08 15.18 15.08
N SER A 226 12.29 14.88 15.52
CA SER A 226 13.42 14.66 14.62
C SER A 226 13.72 13.18 14.53
N PRO A 227 14.42 12.73 13.51
CA PRO A 227 14.71 11.30 13.39
C PRO A 227 15.72 10.81 14.42
N ILE A 228 15.64 9.51 14.72
CA ILE A 228 16.65 8.88 15.57
C ILE A 228 17.81 8.35 14.74
N ALA A 229 17.64 8.21 13.43
CA ALA A 229 18.73 7.84 12.54
C ALA A 229 18.34 8.23 11.12
N LYS A 230 19.36 8.46 10.31
CA LYS A 230 19.19 8.70 8.89
C LYS A 230 20.18 7.82 8.14
N TYR A 231 19.70 7.18 7.08
CA TYR A 231 20.55 6.34 6.24
C TYR A 231 20.81 7.05 4.94
N HIS A 232 22.08 7.14 4.56
CA HIS A 232 22.51 7.87 3.38
C HIS A 232 23.11 6.90 2.38
N ARG A 233 22.41 5.79 2.20
CA ARG A 233 22.94 4.64 1.50
C ARG A 233 22.47 4.53 0.05
N HIS A 234 21.34 5.14 -0.29
CA HIS A 234 20.89 5.16 -1.67
C HIS A 234 21.46 6.37 -2.39
N THR A 235 21.58 6.26 -3.70
CA THR A 235 22.09 7.32 -4.55
C THR A 235 21.01 7.87 -5.48
N ASP A 236 19.74 7.56 -5.22
CA ASP A 236 18.62 8.11 -5.97
C ASP A 236 17.39 8.02 -5.06
N ILE A 237 16.23 8.45 -5.59
CA ILE A 237 14.97 8.48 -4.86
C ILE A 237 14.74 7.14 -4.15
N VAL A 238 14.39 7.20 -2.87
CA VAL A 238 13.99 5.98 -2.14
C VAL A 238 12.48 5.85 -2.32
N ASN A 239 12.04 4.78 -3.00
CA ASN A 239 10.64 4.65 -3.37
C ASN A 239 9.80 3.91 -2.34
N ASP A 240 10.41 3.00 -1.57
CA ASP A 240 9.63 2.12 -0.74
C ASP A 240 10.52 1.60 0.38
N VAL A 241 9.93 1.44 1.57
CA VAL A 241 10.61 0.85 2.72
C VAL A 241 9.64 -0.09 3.40
N GLN A 242 10.16 -1.19 3.94
CA GLN A 242 9.31 -2.16 4.63
C GLN A 242 10.11 -2.87 5.72
N PHE A 243 9.57 -2.84 6.94
CA PHE A 243 10.11 -3.65 8.02
C PHE A 243 9.75 -5.13 7.83
N HIS A 244 10.67 -6.01 8.21
CA HIS A 244 10.38 -7.43 8.17
C HIS A 244 9.27 -7.74 9.18
N PRO A 245 8.22 -8.46 8.78
CA PRO A 245 7.08 -8.70 9.69
C PRO A 245 7.46 -9.50 10.93
N GLN A 246 8.53 -10.29 10.89
CA GLN A 246 8.91 -11.17 12.00
C GLN A 246 10.27 -10.84 12.58
N HIS A 247 10.93 -9.76 12.15
CA HIS A 247 12.26 -9.41 12.63
C HIS A 247 12.32 -7.91 12.88
N GLU A 248 12.39 -7.54 14.16
CA GLU A 248 12.27 -6.14 14.57
C GLU A 248 13.27 -5.22 13.89
N ALA A 249 14.49 -5.70 13.63
CA ALA A 249 15.58 -4.82 13.24
C ALA A 249 15.82 -4.78 11.74
N LEU A 250 15.08 -5.56 10.95
CA LEU A 250 15.36 -5.71 9.52
C LEU A 250 14.45 -4.79 8.73
N LEU A 251 15.06 -3.91 7.93
CA LEU A 251 14.37 -2.93 7.08
C LEU A 251 14.88 -3.10 5.67
N ALA A 252 13.98 -3.39 4.73
CA ALA A 252 14.28 -3.39 3.31
C ALA A 252 13.90 -2.06 2.66
N SER A 253 14.69 -1.61 1.68
CA SER A 253 14.42 -0.38 0.96
C SER A 253 14.80 -0.56 -0.50
N VAL A 254 14.08 0.15 -1.39
CA VAL A 254 14.31 0.07 -2.82
C VAL A 254 14.30 1.48 -3.39
N SER A 255 15.00 1.66 -4.51
CA SER A 255 15.27 3.01 -4.95
C SER A 255 15.35 3.05 -6.47
N ASP A 256 15.22 4.26 -7.02
CA ASP A 256 15.54 4.51 -8.42
C ASP A 256 17.01 4.25 -8.75
N ASP A 257 17.87 4.00 -7.75
CA ASP A 257 19.26 3.64 -8.01
C ASP A 257 19.43 2.16 -8.35
N CYS A 258 18.31 1.44 -8.49
CA CYS A 258 18.25 0.06 -8.97
C CYS A 258 18.76 -0.93 -7.95
N THR A 259 18.83 -0.55 -6.69
CA THR A 259 19.28 -1.46 -5.64
C THR A 259 18.16 -1.75 -4.66
N LEU A 260 18.20 -2.97 -4.12
CA LEU A 260 17.50 -3.37 -2.90
C LEU A 260 18.52 -3.42 -1.78
N GLN A 261 18.16 -2.88 -0.62
CA GLN A 261 19.07 -2.83 0.52
C GLN A 261 18.35 -3.36 1.75
N ILE A 262 19.07 -4.18 2.50
CA ILE A 262 18.56 -4.76 3.73
C ILE A 262 19.39 -4.17 4.86
N HIS A 263 18.76 -3.34 5.70
CA HIS A 263 19.41 -2.63 6.80
C HIS A 263 19.08 -3.32 8.12
N ASP A 264 20.06 -3.32 9.03
CA ASP A 264 19.91 -3.83 10.40
C ASP A 264 19.90 -2.60 11.30
N THR A 265 18.72 -2.22 11.80
CA THR A 265 18.63 -0.98 12.55
C THR A 265 19.19 -1.08 13.96
N ARG A 266 19.85 -2.20 14.31
CA ARG A 266 20.56 -2.24 15.59
C ARG A 266 21.95 -1.61 15.49
N LEU A 267 22.58 -1.69 14.31
CA LEU A 267 23.94 -1.24 14.09
C LEU A 267 23.96 0.27 13.82
N ASN A 268 25.16 0.85 13.82
CA ASN A 268 25.26 2.31 13.79
C ASN A 268 24.79 2.86 12.44
N PRO A 269 24.08 4.00 12.43
CA PRO A 269 23.41 4.46 11.21
C PRO A 269 24.31 4.72 10.02
N GLU A 270 25.51 5.28 10.21
CA GLU A 270 26.35 5.55 9.04
C GLU A 270 27.20 4.36 8.62
N GLU A 271 27.19 3.27 9.39
CA GLU A 271 27.72 2.00 8.90
C GLU A 271 26.81 1.48 7.79
N GLU A 272 27.40 1.17 6.62
CA GLU A 272 26.62 0.84 5.44
C GLU A 272 25.86 -0.48 5.61
N ALA A 273 24.70 -0.56 4.95
CA ALA A 273 23.81 -1.70 5.09
C ALA A 273 24.58 -3.00 4.83
N PRO A 274 24.50 -3.99 5.72
CA PRO A 274 25.20 -5.26 5.47
C PRO A 274 24.67 -6.02 4.26
N LYS A 275 23.73 -5.45 3.48
CA LYS A 275 23.21 -6.15 2.30
C LYS A 275 22.75 -5.13 1.26
N VAL A 276 23.44 -5.09 0.11
CA VAL A 276 23.11 -4.22 -1.01
C VAL A 276 23.05 -5.10 -2.26
N ILE A 277 21.87 -5.18 -2.89
CA ILE A 277 21.64 -6.05 -4.04
C ILE A 277 21.41 -5.19 -5.27
N GLN A 278 22.18 -5.43 -6.33
CA GLN A 278 21.87 -4.87 -7.65
C GLN A 278 20.75 -5.71 -8.26
N ALA A 279 19.51 -5.39 -7.90
CA ALA A 279 18.41 -6.32 -8.16
C ALA A 279 17.78 -6.15 -9.53
N HIS A 280 17.65 -4.94 -10.04
CA HIS A 280 17.06 -4.76 -11.34
C HIS A 280 17.95 -3.84 -12.14
N SER A 281 17.71 -3.82 -13.45
CA SER A 281 18.40 -2.93 -14.39
C SER A 281 17.74 -1.56 -14.46
N LYS A 282 16.53 -1.41 -13.94
CA LYS A 282 15.81 -0.15 -13.90
C LYS A 282 15.33 0.10 -12.48
N ALA A 283 14.78 1.29 -12.28
CA ALA A 283 14.27 1.72 -10.99
C ALA A 283 13.39 0.66 -10.33
N ILE A 284 13.55 0.50 -9.01
CA ILE A 284 12.72 -0.41 -8.23
C ILE A 284 11.75 0.45 -7.43
N ASN A 285 10.45 0.21 -7.65
CA ASN A 285 9.40 1.05 -7.10
C ASN A 285 8.74 0.51 -5.86
N ALA A 286 8.81 -0.81 -5.61
CA ALA A 286 8.12 -1.41 -4.49
C ALA A 286 8.87 -2.63 -4.00
N VAL A 287 8.71 -2.91 -2.71
CA VAL A 287 9.27 -4.09 -2.08
C VAL A 287 8.19 -4.66 -1.17
N ALA A 288 8.10 -6.00 -1.10
CA ALA A 288 7.12 -6.61 -0.22
C ALA A 288 7.69 -7.91 0.35
N ILE A 289 7.58 -8.07 1.66
CA ILE A 289 8.14 -9.22 2.37
C ILE A 289 7.01 -10.18 2.71
N ASN A 290 7.20 -11.47 2.41
CA ASN A 290 6.13 -12.43 2.63
C ASN A 290 5.81 -12.51 4.11
N PRO A 291 4.54 -12.40 4.51
CA PRO A 291 4.20 -12.45 5.93
C PRO A 291 4.17 -13.86 6.51
N PHE A 292 4.34 -14.90 5.69
CA PHE A 292 4.39 -16.28 6.18
C PHE A 292 5.74 -16.94 5.98
N ASN A 293 6.42 -16.62 4.89
CA ASN A 293 7.73 -17.18 4.54
C ASN A 293 8.76 -16.10 4.83
N ASP A 294 9.38 -16.19 6.01
CA ASP A 294 10.26 -15.14 6.51
C ASP A 294 11.45 -14.85 5.62
N TYR A 295 11.69 -15.68 4.60
CA TYR A 295 12.82 -15.47 3.70
C TYR A 295 12.42 -14.97 2.31
N LEU A 296 11.13 -14.86 2.00
CA LEU A 296 10.69 -14.59 0.64
C LEU A 296 10.41 -13.09 0.51
N LEU A 297 11.13 -12.43 -0.40
CA LEU A 297 10.96 -11.00 -0.66
C LEU A 297 10.70 -10.79 -2.13
N ALA A 298 9.87 -9.80 -2.45
CA ALA A 298 9.55 -9.46 -3.82
C ALA A 298 9.84 -7.97 -4.09
N THR A 299 10.28 -7.67 -5.33
CA THR A 299 10.53 -6.31 -5.79
C THR A 299 9.76 -6.05 -7.08
N ALA A 300 9.40 -4.79 -7.30
CA ALA A 300 8.67 -4.39 -8.50
C ALA A 300 9.41 -3.24 -9.17
N SER A 301 9.54 -3.30 -10.49
CA SER A 301 10.51 -2.43 -11.13
C SER A 301 9.93 -1.75 -12.38
N ALA A 302 10.62 -0.68 -12.79
CA ALA A 302 10.33 -0.03 -14.07
C ALA A 302 10.65 -0.91 -15.27
N ASP A 303 11.35 -2.03 -15.10
CA ASP A 303 11.54 -2.97 -16.20
C ASP A 303 10.31 -3.85 -16.46
N LYS A 304 9.15 -3.49 -15.89
CA LYS A 304 7.87 -4.15 -16.09
C LYS A 304 7.80 -5.49 -15.40
N THR A 305 8.74 -5.78 -14.51
CA THR A 305 8.97 -7.09 -13.92
C THR A 305 8.73 -7.04 -12.42
N VAL A 306 8.32 -8.17 -11.85
CA VAL A 306 8.40 -8.44 -10.42
C VAL A 306 9.37 -9.60 -10.23
N ALA A 307 10.29 -9.46 -9.27
CA ALA A 307 11.32 -10.44 -9.02
C ALA A 307 11.22 -10.96 -7.59
N LEU A 308 11.65 -12.20 -7.41
CA LEU A 308 11.54 -12.89 -6.12
C LEU A 308 12.94 -13.16 -5.59
N TRP A 309 13.08 -13.06 -4.27
CA TRP A 309 14.38 -13.04 -3.64
C TRP A 309 14.31 -13.83 -2.35
N ASP A 310 15.39 -14.57 -2.07
CA ASP A 310 15.57 -15.29 -0.81
C ASP A 310 16.47 -14.43 0.09
N LEU A 311 15.94 -14.05 1.26
CA LEU A 311 16.68 -13.13 2.12
C LEU A 311 17.97 -13.75 2.67
N ARG A 312 18.08 -15.08 2.67
CA ARG A 312 19.28 -15.72 3.17
C ARG A 312 20.44 -15.57 2.19
N ASN A 313 20.13 -15.51 0.91
CA ASN A 313 21.12 -15.40 -0.16
C ASN A 313 20.56 -14.41 -1.16
N PRO A 314 20.62 -13.12 -0.87
CA PRO A 314 19.82 -12.13 -1.61
C PRO A 314 20.37 -11.72 -2.96
N TYR A 315 21.53 -12.20 -3.39
CA TYR A 315 22.10 -11.88 -4.69
C TYR A 315 21.64 -12.81 -5.78
N GLN A 316 20.99 -13.89 -5.39
CA GLN A 316 20.49 -14.90 -6.31
C GLN A 316 19.01 -14.63 -6.50
N ARG A 317 18.65 -13.99 -7.62
CA ARG A 317 17.24 -13.85 -7.98
C ARG A 317 16.61 -15.24 -8.17
N LEU A 318 15.46 -15.47 -7.53
CA LEU A 318 14.79 -16.77 -7.61
C LEU A 318 13.93 -16.89 -8.87
N HIS A 319 13.22 -15.83 -9.23
CA HIS A 319 12.27 -15.92 -10.34
C HIS A 319 11.92 -14.51 -10.78
N THR A 320 11.53 -14.39 -12.05
CA THR A 320 11.03 -13.14 -12.62
C THR A 320 9.59 -13.38 -13.05
N LEU A 321 8.71 -12.43 -12.71
CA LEU A 321 7.29 -12.53 -13.03
C LEU A 321 6.97 -11.49 -14.08
N GLU A 322 6.51 -11.94 -15.25
CA GLU A 322 6.28 -11.08 -16.39
C GLU A 322 4.81 -11.12 -16.78
N GLY A 323 4.31 -9.98 -17.26
CA GLY A 323 2.90 -9.87 -17.60
C GLY A 323 2.40 -8.44 -17.62
N HIS A 324 3.01 -7.57 -16.81
CA HIS A 324 2.68 -6.15 -16.90
C HIS A 324 3.28 -5.56 -18.17
N GLU A 325 2.61 -4.54 -18.69
CA GLU A 325 3.00 -3.89 -19.93
C GLU A 325 3.64 -2.53 -19.71
N ASP A 326 3.80 -2.10 -18.46
CA ASP A 326 4.45 -0.85 -18.16
C ASP A 326 5.08 -0.99 -16.77
N GLU A 327 5.67 0.11 -16.28
CA GLU A 327 6.31 0.08 -14.97
C GLU A 327 5.40 -0.49 -13.89
N VAL A 328 5.95 -1.36 -13.05
CA VAL A 328 5.23 -1.87 -11.87
C VAL A 328 5.54 -0.98 -10.67
N TYR A 329 4.48 -0.51 -9.98
CA TYR A 329 4.56 0.45 -8.90
C TYR A 329 4.10 -0.06 -7.54
N GLY A 330 3.15 -0.98 -7.51
CA GLY A 330 2.59 -1.46 -6.25
C GLY A 330 2.78 -2.95 -6.10
N LEU A 331 2.90 -3.39 -4.86
CA LEU A 331 3.24 -4.78 -4.56
C LEU A 331 2.73 -5.12 -3.16
N GLU A 332 2.03 -6.25 -3.00
CA GLU A 332 1.56 -6.65 -1.69
C GLU A 332 1.21 -8.13 -1.69
N TRP A 333 1.73 -8.85 -0.70
CA TRP A 333 1.38 -10.26 -0.52
C TRP A 333 -0.02 -10.40 0.07
N SER A 334 -0.72 -11.44 -0.36
CA SER A 334 -1.96 -11.81 0.32
C SER A 334 -1.73 -11.92 1.81
N PRO A 335 -2.61 -11.36 2.65
CA PRO A 335 -2.50 -11.56 4.10
C PRO A 335 -3.01 -12.92 4.57
N HIS A 336 -3.54 -13.73 3.66
CA HIS A 336 -4.13 -15.03 3.98
C HIS A 336 -3.43 -16.23 3.35
N ASP A 337 -2.79 -16.05 2.19
CA ASP A 337 -2.24 -17.19 1.44
C ASP A 337 -0.80 -16.90 1.09
N GLU A 338 0.10 -17.70 1.67
CA GLU A 338 1.53 -17.49 1.47
C GLU A 338 1.97 -17.41 0.00
N PRO A 339 1.46 -18.23 -0.93
CA PRO A 339 1.95 -18.14 -2.31
C PRO A 339 1.31 -17.06 -3.16
N ILE A 340 0.40 -16.23 -2.64
CA ILE A 340 -0.36 -15.29 -3.45
C ILE A 340 0.22 -13.89 -3.29
N LEU A 341 0.51 -13.24 -4.41
CA LEU A 341 1.11 -11.92 -4.46
C LEU A 341 0.35 -11.07 -5.45
N ALA A 342 0.20 -9.77 -5.16
CA ALA A 342 -0.43 -8.86 -6.09
C ALA A 342 0.50 -7.70 -6.43
N SER A 343 0.40 -7.22 -7.67
CA SER A 343 1.21 -6.12 -8.17
C SER A 343 0.34 -5.20 -9.01
N SER A 344 0.72 -3.94 -9.11
CA SER A 344 -0.03 -2.95 -9.86
C SER A 344 0.92 -2.05 -10.64
N SER A 345 0.37 -1.40 -11.67
CA SER A 345 1.23 -0.86 -12.71
C SER A 345 0.55 0.32 -13.39
N THR A 346 1.38 1.15 -14.06
CA THR A 346 0.82 2.21 -14.89
C THR A 346 0.14 1.67 -16.16
N ASP A 347 0.23 0.37 -16.42
CA ASP A 347 -0.58 -0.27 -17.45
C ASP A 347 -2.05 -0.46 -17.03
N ARG A 348 -2.42 0.08 -15.86
CA ARG A 348 -3.76 0.17 -15.31
C ARG A 348 -4.24 -1.16 -14.72
N ARG A 349 -3.39 -2.19 -14.63
CA ARG A 349 -3.80 -3.50 -14.15
C ARG A 349 -3.32 -3.76 -12.72
N VAL A 350 -4.14 -4.51 -11.97
CA VAL A 350 -3.69 -5.24 -10.80
C VAL A 350 -3.55 -6.69 -11.23
N CYS A 351 -2.38 -7.27 -11.06
CA CYS A 351 -2.13 -8.66 -11.38
C CYS A 351 -2.02 -9.46 -10.10
N ILE A 352 -2.58 -10.65 -10.09
CA ILE A 352 -2.46 -11.54 -8.94
C ILE A 352 -1.70 -12.77 -9.43
N TRP A 353 -0.66 -13.13 -8.68
CA TRP A 353 0.28 -14.18 -9.05
C TRP A 353 0.15 -15.33 -8.07
N ASP A 354 0.16 -16.54 -8.60
CA ASP A 354 0.10 -17.74 -7.76
C ASP A 354 1.44 -18.45 -7.90
N LEU A 355 2.26 -18.35 -6.85
CA LEU A 355 3.64 -18.82 -6.94
C LEU A 355 3.72 -20.33 -7.04
N GLU A 356 2.71 -21.03 -6.55
CA GLU A 356 2.66 -22.48 -6.65
C GLU A 356 2.46 -22.97 -8.08
N LYS A 357 2.20 -22.09 -9.05
CA LYS A 357 2.07 -22.47 -10.45
C LYS A 357 3.35 -22.22 -11.24
N ILE A 358 4.47 -21.94 -10.56
CA ILE A 358 5.69 -21.56 -11.27
C ILE A 358 6.22 -22.73 -12.10
N GLY A 359 6.12 -23.94 -11.59
CA GLY A 359 6.52 -25.10 -12.37
C GLY A 359 5.58 -25.42 -13.52
N GLU A 360 5.48 -24.51 -14.49
CA GLU A 360 4.62 -24.67 -15.65
C GLU A 360 3.18 -24.99 -15.27
N GLU A 368 -1.86 -22.93 -23.01
CA GLU A 368 -0.48 -23.38 -22.88
C GLU A 368 0.47 -22.40 -23.55
N ASP A 369 0.10 -21.11 -23.51
CA ASP A 369 0.88 -20.08 -24.18
C ASP A 369 1.15 -18.83 -23.33
N GLY A 370 0.42 -18.60 -22.24
CA GLY A 370 0.71 -17.50 -21.35
C GLY A 370 1.39 -17.96 -20.06
N SER A 371 1.77 -16.99 -19.23
CA SER A 371 2.47 -17.28 -17.98
C SER A 371 1.56 -18.00 -17.00
N PRO A 372 1.91 -19.21 -16.54
CA PRO A 372 1.00 -19.95 -15.65
C PRO A 372 0.85 -19.33 -14.28
N GLU A 373 1.87 -18.65 -13.76
CA GLU A 373 1.75 -18.10 -12.42
C GLU A 373 0.88 -16.83 -12.38
N LEU A 374 0.54 -16.25 -13.53
CA LEU A 374 -0.35 -15.09 -13.58
C LEU A 374 -1.78 -15.59 -13.42
N LEU A 375 -2.30 -15.51 -12.20
CA LEU A 375 -3.59 -16.13 -11.92
C LEU A 375 -4.75 -15.27 -12.38
N PHE A 376 -4.66 -13.95 -12.19
CA PHE A 376 -5.78 -13.08 -12.47
C PHE A 376 -5.27 -11.69 -12.80
N MET A 377 -5.91 -11.05 -13.77
CA MET A 377 -5.55 -9.69 -14.15
C MET A 377 -6.83 -8.85 -14.06
N HIS A 378 -6.83 -7.90 -13.13
CA HIS A 378 -7.96 -7.00 -12.94
C HIS A 378 -7.88 -5.87 -13.95
N GLY A 379 -8.93 -5.70 -14.76
CA GLY A 379 -8.97 -4.66 -15.77
C GLY A 379 -10.04 -3.61 -15.59
N GLY A 380 -10.49 -3.37 -14.34
CA GLY A 380 -11.57 -2.42 -14.12
C GLY A 380 -11.16 -0.95 -14.10
N HIS A 381 -9.89 -0.64 -14.08
CA HIS A 381 -9.47 0.74 -13.93
C HIS A 381 -9.16 1.36 -15.28
N THR A 382 -9.44 2.66 -15.38
CA THR A 382 -9.32 3.40 -16.63
C THR A 382 -8.17 4.39 -16.63
N ASN A 383 -7.36 4.40 -15.57
CA ASN A 383 -6.17 5.22 -15.46
C ASN A 383 -5.17 4.46 -14.62
N ARG A 384 -3.96 5.00 -14.50
CA ARG A 384 -2.93 4.28 -13.77
C ARG A 384 -3.38 4.07 -12.32
N ILE A 385 -2.98 2.94 -11.77
CA ILE A 385 -3.36 2.57 -10.43
C ILE A 385 -2.47 3.31 -9.45
N SER A 386 -3.08 3.95 -8.45
CA SER A 386 -2.24 4.67 -7.50
C SER A 386 -1.79 3.74 -6.38
N GLU A 387 -2.69 2.89 -5.88
CA GLU A 387 -2.39 1.98 -4.79
C GLU A 387 -3.53 0.98 -4.72
N PHE A 388 -3.25 -0.17 -4.14
CA PHE A 388 -4.29 -1.14 -3.79
C PHE A 388 -3.92 -1.71 -2.43
N SER A 389 -4.87 -2.47 -1.86
CA SER A 389 -4.71 -3.02 -0.52
C SER A 389 -5.57 -4.27 -0.42
N TRP A 390 -5.01 -5.38 0.05
CA TRP A 390 -5.82 -6.56 0.31
C TRP A 390 -6.68 -6.34 1.54
N CYS A 391 -7.96 -6.72 1.45
CA CYS A 391 -8.83 -6.69 2.63
C CYS A 391 -8.37 -7.74 3.63
N PRO A 392 -8.04 -7.36 4.88
CA PRO A 392 -7.59 -8.36 5.85
C PRO A 392 -8.74 -9.19 6.46
N ASN A 393 -9.99 -8.78 6.29
CA ASN A 393 -11.10 -9.44 6.94
C ASN A 393 -11.98 -10.23 6.01
N GLU A 394 -11.64 -10.31 4.74
CA GLU A 394 -12.36 -11.13 3.79
C GLU A 394 -11.32 -11.75 2.89
N ARG A 395 -11.52 -13.00 2.51
CA ARG A 395 -10.58 -13.65 1.63
C ARG A 395 -10.81 -13.19 0.20
N TRP A 396 -9.71 -12.94 -0.50
CA TRP A 396 -9.71 -12.66 -1.93
C TRP A 396 -10.48 -11.39 -2.26
N VAL A 397 -10.36 -10.36 -1.41
CA VAL A 397 -10.97 -9.06 -1.66
C VAL A 397 -9.86 -8.02 -1.71
N VAL A 398 -9.90 -7.16 -2.74
CA VAL A 398 -8.93 -6.10 -2.94
C VAL A 398 -9.65 -4.77 -3.05
N GLY A 399 -9.09 -3.72 -2.46
CA GLY A 399 -9.49 -2.35 -2.74
C GLY A 399 -8.39 -1.68 -3.58
N SER A 400 -8.80 -1.08 -4.69
CA SER A 400 -7.86 -0.43 -5.60
C SER A 400 -8.38 0.93 -6.01
N LEU A 401 -7.43 1.81 -6.32
CA LEU A 401 -7.64 3.19 -6.71
C LEU A 401 -6.90 3.49 -8.00
N ALA A 402 -7.45 4.39 -8.80
CA ALA A 402 -6.74 4.87 -9.98
C ALA A 402 -6.71 6.39 -9.96
N ASP A 403 -5.88 6.95 -10.84
CA ASP A 403 -5.68 8.39 -10.95
C ASP A 403 -6.91 9.16 -11.44
N ASP A 404 -8.03 8.50 -11.73
CA ASP A 404 -9.22 9.21 -12.19
C ASP A 404 -10.35 9.18 -11.17
N ASN A 405 -10.01 9.05 -9.88
CA ASN A 405 -10.91 9.22 -8.74
C ASN A 405 -11.80 8.02 -8.47
N ILE A 406 -11.51 6.84 -9.02
CA ILE A 406 -12.39 5.69 -8.84
C ILE A 406 -11.83 4.77 -7.74
N LEU A 407 -12.69 4.41 -6.79
CA LEU A 407 -12.42 3.36 -5.81
C LEU A 407 -13.19 2.10 -6.19
N GLN A 408 -12.49 0.99 -6.32
CA GLN A 408 -13.13 -0.29 -6.62
C GLN A 408 -12.81 -1.28 -5.52
N ILE A 409 -13.84 -2.01 -5.09
CA ILE A 409 -13.69 -3.13 -4.16
C ILE A 409 -14.16 -4.37 -4.91
N TRP A 410 -13.29 -5.37 -5.03
CA TRP A 410 -13.60 -6.45 -5.93
C TRP A 410 -13.04 -7.77 -5.40
N SER A 411 -13.68 -8.86 -5.80
CA SER A 411 -13.18 -10.21 -5.50
C SER A 411 -13.25 -11.03 -6.77
N PRO A 412 -12.14 -11.59 -7.25
CA PRO A 412 -12.22 -12.47 -8.43
C PRO A 412 -12.98 -13.74 -8.06
N SER A 413 -13.56 -14.36 -9.09
CA SER A 413 -14.40 -15.52 -8.87
C SER A 413 -13.59 -16.67 -8.30
N ARG A 414 -14.18 -17.38 -7.33
CA ARG A 414 -13.61 -18.62 -6.84
C ARG A 414 -13.45 -19.66 -7.95
N VAL A 415 -14.14 -19.47 -9.08
CA VAL A 415 -13.90 -20.29 -10.25
C VAL A 415 -12.47 -20.13 -10.74
N ILE A 416 -11.87 -18.97 -10.51
CA ILE A 416 -10.48 -18.75 -10.89
C ILE A 416 -9.52 -19.17 -9.78
N TRP A 417 -9.73 -18.72 -8.52
CA TRP A 417 -8.72 -18.94 -7.49
C TRP A 417 -8.91 -20.25 -6.71
N GLY A 418 -10.10 -20.84 -6.76
CA GLY A 418 -10.33 -22.07 -6.03
C GLY A 418 -10.29 -23.29 -6.92
N ARG A 419 -9.56 -23.22 -8.03
CA ARG A 419 -9.68 -24.23 -9.09
C ARG A 419 -9.37 -25.64 -8.58
N ASP A 420 -8.38 -25.77 -7.70
CA ASP A 420 -8.02 -27.09 -7.17
C ASP A 420 -8.71 -27.42 -5.84
N HIS A 421 -9.69 -26.62 -5.42
CA HIS A 421 -10.57 -27.04 -4.34
C HIS A 421 -11.29 -28.34 -4.72
N VAL A 422 -12.00 -28.93 -3.76
CA VAL A 422 -12.71 -30.18 -4.02
C VAL A 422 -14.12 -29.94 -4.57
#